data_4BZR
#
_entry.id   4BZR
#
_cell.length_a   56.250
_cell.length_b   84.505
_cell.length_c   133.481
_cell.angle_alpha   90.00
_cell.angle_beta   90.00
_cell.angle_gamma   90.00
#
_symmetry.space_group_name_H-M   'P 21 21 21'
#
loop_
_entity.id
_entity.type
_entity.pdbx_description
1 polymer 'ANGIOTENSIN-CONVERTING ENZYME'
2 branched beta-D-mannopyranose-(1-4)-2-acetamido-2-deoxy-beta-D-glucopyranose-(1-4)-[alpha-L-fucopyranose-(1-6)]2-acetamido-2-deoxy-beta-D-glucopyranose
3 non-polymer 'ACETATE ION'
4 non-polymer 2-{2-[2-(2-{2-[2-(2-ETHOXY-ETHOXY)-ETHOXY]-ETHOXY}-ETHOXY)-ETHOXY]-ETHOXY}-ETHANOL
5 non-polymer 'N-ACETYL-L-ILE-L-TYR-(R)-1-AMINO-2-(4-HYDROXYPHENYL)ETHYLPHOSPHONIC ACID'
6 non-polymer 'CHLORIDE ION'
7 non-polymer 'ZINC ION'
8 non-polymer 2-acetamido-2-deoxy-beta-D-glucopyranose
9 water water
#
_entity_poly.entity_id   1
_entity_poly.type   'polypeptide(L)'
_entity_poly.pdbx_seq_one_letter_code
;LVTDEAEASKFVEEYDRTSQVVWNEYAEANWNYNTNITTETSKILLQKNMQIANHTLKYGTQARKFDVNQLQNTTIKRII
KKVQDLERAALPAQELEEYNKILLDMETTYSVATVCHPNGSCLQLEPDLTNVMATSRKYEDLLWAWEGWRDKAGRAILQF
YPKYVELINQAARLNGYVDAGDSWRSMYETPSLEQDLERLFQELQPLYLNLHAYVRRALHRHYGAQHINLEGPIPAHLLG
NMWAQTWSNIYDLVVPFPSAPSMDTTEAMLKQGWTPRRMFKEADDFFTSLGLLPVPPEFWNKSMLEKPTDGREVVCHASA
WDFYNGKDFRIKQCTTVNLEDLVVAHHEMGHIQYFMQYKDLPVALREGANPGFHEAIGDVLALSVSTPKHLHSLNLLSSE
GGSDEHDINFLMKMALDKIAFIPFSYLVDQWRWRVFDGSITKENYNQEWWSLRLKYQGLCPPVPRTQGDFDPGAKFHIPS
SVPYIRYFVSFIIQFQFHEALCQAAGHTGPLHKCDIYQSKEAGQRLATAMKLGFSRPWPEAMQLITGQPNMSASAMLSYF
KPLLDWLRTENELHGEKLGWPQYNWTPNS
;
_entity_poly.pdbx_strand_id   A
#
loop_
_chem_comp.id
_chem_comp.type
_chem_comp.name
_chem_comp.formula
ACT non-polymer 'ACETATE ION' 'C2 H3 O2 -1'
BMA D-saccharide, beta linking beta-D-mannopyranose 'C6 H12 O6'
CL non-polymer 'CHLORIDE ION' 'Cl -1'
FUC L-saccharide, alpha linking alpha-L-fucopyranose 'C6 H12 O5'
K26 non-polymer 'N-ACETYL-L-ILE-L-TYR-(R)-1-AMINO-2-(4-HYDROXYPHENYL)ETHYLPHOSPHONIC ACID' 'C25 H34 N3 O8 P'
NAG D-saccharide, beta linking 2-acetamido-2-deoxy-beta-D-glucopyranose 'C8 H15 N O6'
PE4 non-polymer 2-{2-[2-(2-{2-[2-(2-ETHOXY-ETHOXY)-ETHOXY]-ETHOXY}-ETHOXY)-ETHOXY]-ETHOXY}-ETHANOL 'C16 H34 O8'
ZN non-polymer 'ZINC ION' 'Zn 2'
#
# COMPACT_ATOMS: atom_id res chain seq x y z
N ASP A 4 5.19 -34.94 -24.12
CA ASP A 4 5.21 -34.28 -22.78
C ASP A 4 4.71 -32.83 -22.85
N GLU A 5 4.92 -32.20 -24.00
CA GLU A 5 4.49 -30.82 -24.24
C GLU A 5 2.97 -30.72 -24.40
N ALA A 6 2.39 -31.70 -25.09
CA ALA A 6 0.94 -31.77 -25.30
C ALA A 6 0.15 -31.95 -24.00
N GLU A 7 0.64 -32.82 -23.12
CA GLU A 7 0.03 -33.03 -21.81
C GLU A 7 0.17 -31.79 -20.93
N ALA A 8 1.29 -31.09 -21.09
CA ALA A 8 1.56 -29.86 -20.34
C ALA A 8 0.57 -28.73 -20.68
N SER A 9 0.35 -28.47 -21.97
CA SER A 9 -0.60 -27.42 -22.38
C SER A 9 -2.05 -27.79 -22.03
N LYS A 10 -2.39 -29.07 -22.16
CA LYS A 10 -3.70 -29.58 -21.73
C LYS A 10 -3.91 -29.33 -20.25
N PHE A 11 -2.88 -29.62 -19.44
CA PHE A 11 -2.95 -29.38 -18.01
C PHE A 11 -3.23 -27.90 -17.70
N VAL A 12 -2.48 -27.02 -18.35
CA VAL A 12 -2.65 -25.57 -18.16
C VAL A 12 -4.08 -25.14 -18.53
N GLU A 13 -4.58 -25.68 -19.65
CA GLU A 13 -5.95 -25.40 -20.09
C GLU A 13 -7.00 -25.83 -19.05
N GLU A 14 -6.84 -27.03 -18.52
CA GLU A 14 -7.74 -27.56 -17.50
C GLU A 14 -7.62 -26.75 -16.20
N TYR A 15 -6.39 -26.49 -15.78
CA TYR A 15 -6.14 -25.66 -14.61
C TYR A 15 -6.85 -24.30 -14.74
N ASP A 16 -6.67 -23.66 -15.88
CA ASP A 16 -7.19 -22.29 -16.05
C ASP A 16 -8.72 -22.23 -16.09
N ARG A 17 -9.36 -23.17 -16.78
CA ARG A 17 -10.82 -23.18 -16.81
C ARG A 17 -11.47 -23.56 -15.47
N THR A 18 -10.89 -24.51 -14.73
CA THR A 18 -11.41 -24.85 -13.39
C THR A 18 -11.11 -23.78 -12.34
N SER A 19 -9.93 -23.16 -12.42
CA SER A 19 -9.56 -22.10 -11.48
C SER A 19 -10.50 -20.92 -11.56
N GLN A 20 -10.87 -20.53 -12.79
CA GLN A 20 -11.85 -19.46 -13.01
C GLN A 20 -13.13 -19.66 -12.20
N VAL A 21 -13.64 -20.89 -12.19
CA VAL A 21 -14.88 -21.22 -11.50
C VAL A 21 -14.72 -21.16 -9.98
N VAL A 22 -13.75 -21.90 -9.45
CA VAL A 22 -13.56 -22.00 -8.00
C VAL A 22 -13.10 -20.67 -7.38
N TRP A 23 -12.22 -19.94 -8.07
CA TRP A 23 -11.75 -18.64 -7.58
C TRP A 23 -12.86 -17.61 -7.60
N ASN A 24 -13.70 -17.65 -8.63
CA ASN A 24 -14.87 -16.79 -8.69
C ASN A 24 -15.82 -17.04 -7.52
N GLU A 25 -16.03 -18.32 -7.19
CA GLU A 25 -16.84 -18.70 -6.03
C GLU A 25 -16.24 -18.20 -4.73
N TYR A 26 -14.92 -18.38 -4.59
CA TYR A 26 -14.23 -17.95 -3.37
C TYR A 26 -14.30 -16.44 -3.21
N ALA A 27 -14.04 -15.71 -4.29
CA ALA A 27 -14.08 -14.26 -4.28
C ALA A 27 -15.44 -13.73 -3.83
N GLU A 28 -16.50 -14.39 -4.28
CA GLU A 28 -17.87 -14.03 -3.87
C GLU A 28 -18.08 -14.16 -2.37
N ALA A 29 -17.66 -15.29 -1.80
CA ALA A 29 -17.81 -15.53 -0.37
C ALA A 29 -16.92 -14.58 0.44
N ASN A 30 -15.71 -14.34 -0.05
CA ASN A 30 -14.81 -13.41 0.60
C ASN A 30 -15.37 -11.99 0.59
N TRP A 31 -15.89 -11.57 -0.57
CA TRP A 31 -16.54 -10.28 -0.69
C TRP A 31 -17.70 -10.14 0.30
N ASN A 32 -18.54 -11.18 0.35
CA ASN A 32 -19.72 -11.18 1.21
C ASN A 32 -19.39 -11.03 2.68
N TYR A 33 -18.25 -11.60 3.10
CA TYR A 33 -17.79 -11.41 4.46
C TYR A 33 -17.22 -10.02 4.70
N ASN A 34 -16.33 -9.59 3.80
CA ASN A 34 -15.71 -8.27 3.88
C ASN A 34 -16.72 -7.12 3.95
N THR A 35 -17.86 -7.30 3.30
CA THR A 35 -18.90 -6.27 3.23
C THR A 35 -20.05 -6.54 4.19
N ASN A 36 -19.91 -7.56 5.03
CA ASN A 36 -20.97 -8.02 5.93
C ASN A 36 -20.42 -9.05 6.91
N ILE A 37 -19.67 -8.57 7.90
CA ILE A 37 -19.04 -9.43 8.89
C ILE A 37 -20.09 -9.99 9.84
N THR A 38 -20.40 -11.28 9.67
CA THR A 38 -21.34 -12.00 10.53
C THR A 38 -20.82 -13.41 10.74
N THR A 39 -21.39 -14.12 11.71
CA THR A 39 -21.04 -15.52 11.95
C THR A 39 -21.31 -16.37 10.71
N GLU A 40 -22.44 -16.12 10.06
CA GLU A 40 -22.84 -16.86 8.86
C GLU A 40 -21.85 -16.70 7.70
N THR A 41 -21.63 -15.45 7.26
CA THR A 41 -20.69 -15.20 6.16
C THR A 41 -19.28 -15.72 6.47
N SER A 42 -18.92 -15.73 7.75
CA SER A 42 -17.66 -16.31 8.24
C SER A 42 -17.58 -17.80 7.92
N LYS A 43 -18.62 -18.53 8.32
CA LYS A 43 -18.66 -19.98 8.13
C LYS A 43 -18.66 -20.37 6.64
N ILE A 44 -19.44 -19.66 5.83
CA ILE A 44 -19.43 -19.88 4.37
C ILE A 44 -18.04 -19.64 3.77
N LEU A 45 -17.39 -18.57 4.21
CA LEU A 45 -16.04 -18.25 3.75
C LEU A 45 -15.06 -19.37 4.10
N LEU A 46 -15.02 -19.77 5.37
CA LEU A 46 -14.13 -20.84 5.82
C LEU A 46 -14.38 -22.16 5.07
N GLN A 47 -15.65 -22.41 4.73
CA GLN A 47 -16.02 -23.57 3.91
C GLN A 47 -15.52 -23.44 2.47
N LYS A 48 -15.65 -22.24 1.91
CA LYS A 48 -15.12 -21.96 0.57
C LYS A 48 -13.59 -22.01 0.55
N ASN A 49 -12.97 -21.74 1.70
CA ASN A 49 -11.53 -21.92 1.87
C ASN A 49 -11.11 -23.37 1.69
N MET A 50 -11.89 -24.29 2.24
CA MET A 50 -11.66 -25.72 2.06
C MET A 50 -11.78 -26.13 0.59
N GLN A 51 -12.79 -25.57 -0.08
CA GLN A 51 -13.05 -25.88 -1.49
C GLN A 51 -11.89 -25.47 -2.40
N ILE A 52 -11.42 -24.24 -2.23
CA ILE A 52 -10.31 -23.72 -3.03
C ILE A 52 -8.99 -24.46 -2.69
N ALA A 53 -8.86 -24.90 -1.44
CA ALA A 53 -7.71 -25.69 -1.02
C ALA A 53 -7.71 -27.07 -1.70
N ASN A 54 -8.89 -27.68 -1.75
CA ASN A 54 -9.11 -28.93 -2.46
C ASN A 54 -8.63 -28.82 -3.92
N HIS A 55 -9.07 -27.76 -4.60
CA HIS A 55 -8.67 -27.49 -5.99
C HIS A 55 -7.17 -27.27 -6.14
N THR A 56 -6.61 -26.39 -5.30
CA THR A 56 -5.16 -26.09 -5.33
C THR A 56 -4.34 -27.36 -5.13
N LEU A 57 -4.72 -28.16 -4.13
CA LEU A 57 -4.02 -29.41 -3.84
C LEU A 57 -4.06 -30.38 -5.03
N LYS A 58 -5.24 -30.52 -5.63
CA LYS A 58 -5.44 -31.38 -6.79
C LYS A 58 -4.51 -30.99 -7.95
N TYR A 59 -4.59 -29.73 -8.36
CA TYR A 59 -3.83 -29.25 -9.51
C TYR A 59 -2.34 -29.04 -9.21
N GLY A 60 -2.04 -28.56 -8.00
CA GLY A 60 -0.66 -28.42 -7.54
C GLY A 60 0.09 -29.74 -7.50
N THR A 61 -0.57 -30.78 -7.02
CA THR A 61 0.02 -32.13 -6.98
C THR A 61 0.32 -32.63 -8.40
N GLN A 62 -0.61 -32.42 -9.33
CA GLN A 62 -0.39 -32.75 -10.74
C GLN A 62 0.78 -31.96 -11.33
N ALA A 63 0.81 -30.66 -11.03
CA ALA A 63 1.83 -29.76 -11.56
C ALA A 63 3.24 -30.19 -11.17
N ARG A 64 3.41 -30.70 -9.96
CA ARG A 64 4.71 -31.11 -9.43
C ARG A 64 5.25 -32.38 -10.09
N LYS A 65 4.39 -33.09 -10.79
CA LYS A 65 4.79 -34.31 -11.50
C LYS A 65 5.40 -33.99 -12.87
N PHE A 66 5.24 -32.76 -13.31
CA PHE A 66 5.88 -32.28 -14.52
C PHE A 66 7.31 -31.87 -14.22
N ASP A 67 8.24 -32.32 -15.05
CA ASP A 67 9.61 -31.83 -15.00
C ASP A 67 9.67 -30.53 -15.80
N VAL A 68 9.61 -29.42 -15.07
CA VAL A 68 9.62 -28.08 -15.65
C VAL A 68 10.84 -27.87 -16.57
N ASN A 69 11.94 -28.53 -16.21
CA ASN A 69 13.18 -28.47 -16.97
C ASN A 69 13.07 -28.98 -18.41
N GLN A 70 12.15 -29.93 -18.62
CA GLN A 70 11.99 -30.57 -19.93
C GLN A 70 10.96 -29.90 -20.84
N LEU A 71 10.30 -28.85 -20.34
CA LEU A 71 9.28 -28.15 -21.12
C LEU A 71 9.85 -27.11 -22.07
N GLN A 72 9.39 -27.16 -23.31
CA GLN A 72 9.86 -26.30 -24.39
C GLN A 72 9.26 -24.90 -24.29
N ASN A 73 7.93 -24.82 -24.35
CA ASN A 73 7.22 -23.55 -24.30
C ASN A 73 7.42 -22.84 -22.97
N THR A 74 7.89 -21.59 -23.02
CA THR A 74 8.24 -20.85 -21.81
C THR A 74 7.03 -20.35 -21.01
N THR A 75 5.93 -20.06 -21.71
CA THR A 75 4.69 -19.61 -21.06
C THR A 75 4.06 -20.75 -20.25
N ILE A 76 4.00 -21.94 -20.85
CA ILE A 76 3.53 -23.15 -20.19
C ILE A 76 4.44 -23.49 -19.01
N LYS A 77 5.75 -23.43 -19.26
CA LYS A 77 6.79 -23.63 -18.25
C LYS A 77 6.53 -22.73 -17.05
N ARG A 78 6.28 -21.45 -17.33
CA ARG A 78 6.05 -20.44 -16.31
C ARG A 78 4.80 -20.70 -15.47
N ILE A 79 3.70 -21.04 -16.15
CA ILE A 79 2.44 -21.36 -15.47
C ILE A 79 2.58 -22.59 -14.55
N ILE A 80 3.14 -23.67 -15.09
CA ILE A 80 3.26 -24.92 -14.34
C ILE A 80 4.16 -24.78 -13.11
N LYS A 81 5.27 -24.07 -13.27
CA LYS A 81 6.15 -23.73 -12.15
C LYS A 81 5.39 -23.04 -11.03
N LYS A 82 4.53 -22.07 -11.40
CA LYS A 82 3.74 -21.33 -10.43
C LYS A 82 2.67 -22.17 -9.73
N VAL A 83 2.05 -23.09 -10.47
CA VAL A 83 1.01 -23.97 -9.90
C VAL A 83 1.59 -25.00 -8.91
N GLN A 84 2.89 -25.31 -9.05
CA GLN A 84 3.60 -26.18 -8.12
C GLN A 84 3.67 -25.62 -6.69
N ASP A 85 3.45 -24.31 -6.58
CA ASP A 85 3.37 -23.63 -5.29
C ASP A 85 1.92 -23.64 -4.81
N LEU A 86 1.66 -24.41 -3.76
CA LEU A 86 0.29 -24.61 -3.28
C LEU A 86 -0.15 -23.54 -2.29
N GLU A 87 0.77 -22.68 -1.87
CA GLU A 87 0.51 -21.73 -0.77
C GLU A 87 0.02 -22.48 0.46
N ARG A 88 -0.97 -21.92 1.17
CA ARG A 88 -1.50 -22.53 2.39
C ARG A 88 -2.02 -23.95 2.20
N ALA A 89 -2.41 -24.28 0.97
CA ALA A 89 -2.96 -25.61 0.66
C ALA A 89 -1.94 -26.75 0.84
N ALA A 90 -0.66 -26.39 0.97
CA ALA A 90 0.37 -27.37 1.28
C ALA A 90 0.26 -27.93 2.70
N LEU A 91 -0.43 -27.21 3.58
CA LEU A 91 -0.56 -27.61 4.98
C LEU A 91 -1.45 -28.83 5.15
N PRO A 92 -1.15 -29.69 6.14
CA PRO A 92 -2.07 -30.77 6.52
C PRO A 92 -3.43 -30.21 6.90
N ALA A 93 -4.48 -31.01 6.70
CA ALA A 93 -5.86 -30.57 6.88
C ALA A 93 -6.13 -29.80 8.18
N GLN A 94 -5.66 -30.34 9.31
CA GLN A 94 -5.85 -29.70 10.62
C GLN A 94 -5.13 -28.35 10.71
N GLU A 95 -3.87 -28.33 10.28
CA GLU A 95 -3.08 -27.10 10.19
C GLU A 95 -3.76 -26.05 9.32
N LEU A 96 -4.31 -26.48 8.19
CA LEU A 96 -4.94 -25.56 7.24
C LEU A 96 -6.18 -24.88 7.82
N GLU A 97 -7.07 -25.66 8.44
CA GLU A 97 -8.27 -25.08 9.04
C GLU A 97 -7.92 -24.12 10.17
N GLU A 98 -6.88 -24.44 10.94
CA GLU A 98 -6.40 -23.57 12.00
C GLU A 98 -5.84 -22.27 11.42
N TYR A 99 -5.01 -22.38 10.38
CA TYR A 99 -4.46 -21.21 9.70
C TYR A 99 -5.55 -20.29 9.17
N ASN A 100 -6.53 -20.84 8.46
CA ASN A 100 -7.62 -20.05 7.92
C ASN A 100 -8.43 -19.37 9.00
N LYS A 101 -8.64 -20.06 10.11
CA LYS A 101 -9.35 -19.51 11.27
C LYS A 101 -8.55 -18.38 11.91
N ILE A 102 -7.24 -18.56 12.00
CA ILE A 102 -6.35 -17.53 12.53
C ILE A 102 -6.39 -16.25 11.69
N LEU A 103 -6.25 -16.39 10.37
CA LEU A 103 -6.33 -15.24 9.47
C LEU A 103 -7.67 -14.51 9.60
N LEU A 104 -8.76 -15.26 9.61
CA LEU A 104 -10.10 -14.70 9.77
C LEU A 104 -10.22 -13.95 11.09
N ASP A 105 -9.73 -14.56 12.18
CA ASP A 105 -9.79 -13.96 13.50
C ASP A 105 -8.99 -12.67 13.58
N MET A 106 -7.81 -12.65 12.96
CA MET A 106 -6.95 -11.45 12.96
C MET A 106 -7.60 -10.33 12.16
N GLU A 107 -8.08 -10.65 10.97
CA GLU A 107 -8.75 -9.68 10.11
C GLU A 107 -9.99 -9.10 10.80
N THR A 108 -10.82 -9.98 11.38
CA THR A 108 -12.03 -9.55 12.06
C THR A 108 -11.73 -8.69 13.29
N THR A 109 -10.77 -9.12 14.10
CA THR A 109 -10.34 -8.34 15.27
C THR A 109 -9.91 -6.92 14.86
N TYR A 110 -9.07 -6.82 13.84
CA TYR A 110 -8.60 -5.51 13.39
C TYR A 110 -9.74 -4.62 12.91
N SER A 111 -10.65 -5.19 12.12
CA SER A 111 -11.68 -4.40 11.46
C SER A 111 -12.82 -3.96 12.39
N VAL A 112 -12.97 -4.65 13.52
CA VAL A 112 -14.05 -4.31 14.47
C VAL A 112 -13.55 -3.62 15.75
N ALA A 113 -12.23 -3.48 15.86
CA ALA A 113 -11.61 -2.81 17.01
C ALA A 113 -12.11 -1.37 17.17
N THR A 114 -12.41 -0.98 18.40
CA THR A 114 -12.86 0.38 18.72
C THR A 114 -12.09 0.95 19.91
N VAL A 115 -11.98 2.28 19.95
CA VAL A 115 -11.37 2.97 21.08
C VAL A 115 -12.43 3.86 21.73
N CYS A 116 -12.70 3.60 23.00
CA CYS A 116 -13.85 4.20 23.69
C CYS A 116 -13.45 5.19 24.78
N HIS A 117 -14.21 6.28 24.87
CA HIS A 117 -14.15 7.17 26.02
C HIS A 117 -14.91 6.51 27.17
N PRO A 118 -14.39 6.64 28.41
CA PRO A 118 -15.05 6.08 29.58
C PRO A 118 -16.50 6.57 29.69
N ASN A 119 -16.71 7.87 29.49
CA ASN A 119 -18.04 8.47 29.52
C ASN A 119 -19.06 7.82 28.59
N GLY A 120 -18.67 7.52 27.35
CA GLY A 120 -19.58 6.84 26.44
C GLY A 120 -19.15 6.57 25.00
N SER A 121 -18.58 7.56 24.34
CA SER A 121 -18.36 7.51 22.89
C SER A 121 -17.27 6.53 22.44
N CYS A 122 -17.59 5.69 21.46
CA CYS A 122 -16.63 4.71 20.92
C CYS A 122 -16.24 5.02 19.47
N LEU A 123 -14.94 5.14 19.24
CA LEU A 123 -14.40 5.55 17.95
C LEU A 123 -13.86 4.38 17.16
N GLN A 124 -14.19 4.34 15.87
CA GLN A 124 -13.62 3.38 14.93
C GLN A 124 -12.43 4.01 14.22
N LEU A 125 -11.57 3.18 13.63
CA LEU A 125 -10.39 3.71 12.94
C LEU A 125 -10.80 4.60 11.77
N GLU A 126 -11.70 4.09 10.93
CA GLU A 126 -12.25 4.86 9.82
C GLU A 126 -13.73 5.17 10.08
N PRO A 127 -14.10 6.48 10.11
CA PRO A 127 -13.20 7.61 9.89
C PRO A 127 -12.74 8.32 11.16
N ASP A 128 -13.17 7.85 12.33
CA ASP A 128 -13.10 8.64 13.56
C ASP A 128 -11.67 8.88 14.05
N LEU A 129 -10.92 7.81 14.27
CA LEU A 129 -9.53 7.93 14.71
C LEU A 129 -8.64 8.55 13.65
N THR A 130 -8.90 8.23 12.38
CA THR A 130 -8.19 8.84 11.26
C THR A 130 -8.36 10.36 11.26
N ASN A 131 -9.59 10.81 11.49
CA ASN A 131 -9.90 12.24 11.55
C ASN A 131 -9.17 12.94 12.71
N VAL A 132 -9.14 12.29 13.88
CA VAL A 132 -8.41 12.84 15.04
C VAL A 132 -6.93 13.00 14.74
N MET A 133 -6.32 11.96 14.18
CA MET A 133 -4.90 12.00 13.84
C MET A 133 -4.59 13.07 12.79
N ALA A 134 -5.53 13.29 11.87
CA ALA A 134 -5.35 14.25 10.77
C ALA A 134 -5.51 15.71 11.20
N THR A 135 -6.40 15.98 12.15
CA THR A 135 -6.82 17.35 12.43
C THR A 135 -6.45 17.91 13.80
N SER A 136 -6.44 17.06 14.84
CA SER A 136 -6.10 17.54 16.18
C SER A 136 -4.68 18.08 16.24
N ARG A 137 -4.50 19.20 16.93
CA ARG A 137 -3.18 19.78 17.15
C ARG A 137 -2.84 19.83 18.64
N LYS A 138 -3.49 18.94 19.39
CA LYS A 138 -3.33 18.84 20.83
C LYS A 138 -2.58 17.56 21.19
N TYR A 139 -1.40 17.73 21.78
CA TYR A 139 -0.50 16.61 22.13
C TYR A 139 -1.20 15.44 22.82
N GLU A 140 -1.97 15.75 23.86
CA GLU A 140 -2.64 14.73 24.66
C GLU A 140 -3.78 14.04 23.91
N ASP A 141 -4.48 14.78 23.03
CA ASP A 141 -5.58 14.19 22.25
C ASP A 141 -5.05 13.22 21.20
N LEU A 142 -3.94 13.57 20.54
CA LEU A 142 -3.27 12.69 19.60
C LEU A 142 -2.70 11.46 20.31
N LEU A 143 -2.20 11.67 21.51
CA LEU A 143 -1.67 10.58 22.32
C LEU A 143 -2.75 9.58 22.70
N TRP A 144 -3.91 10.08 23.11
CA TRP A 144 -5.05 9.23 23.45
C TRP A 144 -5.43 8.34 22.27
N ALA A 145 -5.58 8.93 21.08
CA ALA A 145 -5.96 8.16 19.89
C ALA A 145 -4.87 7.17 19.48
N TRP A 146 -3.62 7.62 19.55
CA TRP A 146 -2.46 6.82 19.12
C TRP A 146 -2.28 5.59 20.01
N GLU A 147 -2.28 5.83 21.32
CA GLU A 147 -2.10 4.80 22.32
C GLU A 147 -3.32 3.89 22.37
N GLY A 148 -4.49 4.51 22.31
CA GLY A 148 -5.76 3.77 22.34
C GLY A 148 -5.89 2.77 21.22
N TRP A 149 -5.53 3.17 20.01
CA TRP A 149 -5.59 2.27 18.87
C TRP A 149 -4.65 1.08 19.06
N ARG A 150 -3.43 1.35 19.52
CA ARG A 150 -2.46 0.28 19.77
C ARG A 150 -2.86 -0.63 20.93
N ASP A 151 -3.46 -0.05 21.97
CA ASP A 151 -3.98 -0.83 23.10
C ASP A 151 -5.11 -1.78 22.68
N LYS A 152 -5.98 -1.32 21.79
CA LYS A 152 -7.18 -2.08 21.43
C LYS A 152 -7.02 -2.97 20.20
N ALA A 153 -6.36 -2.48 19.16
CA ALA A 153 -6.13 -3.29 17.96
C ALA A 153 -4.86 -4.12 18.07
N GLY A 154 -3.74 -3.45 18.34
CA GLY A 154 -2.44 -4.09 18.42
C GLY A 154 -2.35 -5.23 19.42
N ARG A 155 -2.67 -4.96 20.67
CA ARG A 155 -2.58 -5.96 21.73
C ARG A 155 -3.45 -7.18 21.45
N ALA A 156 -4.60 -6.96 20.81
CA ALA A 156 -5.57 -8.02 20.53
C ALA A 156 -5.08 -8.99 19.44
N ILE A 157 -4.18 -8.52 18.58
CA ILE A 157 -3.61 -9.35 17.50
C ILE A 157 -2.49 -10.25 18.02
N LEU A 158 -1.80 -9.82 19.08
CA LEU A 158 -0.66 -10.54 19.64
C LEU A 158 -0.94 -12.01 19.94
N GLN A 159 -2.12 -12.33 20.48
CA GLN A 159 -2.43 -13.73 20.82
C GLN A 159 -2.37 -14.66 19.60
N PHE A 160 -2.64 -14.11 18.41
CA PHE A 160 -2.69 -14.92 17.19
C PHE A 160 -1.38 -15.01 16.43
N TYR A 161 -0.51 -14.02 16.61
CA TYR A 161 0.61 -13.84 15.69
C TYR A 161 1.69 -14.93 15.71
N PRO A 162 2.11 -15.41 16.90
CA PRO A 162 3.13 -16.46 16.86
C PRO A 162 2.66 -17.72 16.11
N LYS A 163 1.41 -18.11 16.28
CA LYS A 163 0.86 -19.27 15.57
C LYS A 163 0.71 -19.00 14.07
N TYR A 164 0.30 -17.78 13.73
CA TYR A 164 0.27 -17.34 12.34
C TYR A 164 1.64 -17.52 11.67
N VAL A 165 2.69 -17.01 12.33
CA VAL A 165 4.06 -17.10 11.84
C VAL A 165 4.47 -18.56 11.65
N GLU A 166 4.20 -19.39 12.66
CA GLU A 166 4.52 -20.82 12.58
C GLU A 166 3.88 -21.46 11.35
N LEU A 167 2.58 -21.20 11.14
CA LEU A 167 1.84 -21.83 10.05
C LEU A 167 2.22 -21.31 8.66
N ILE A 168 2.37 -20.00 8.53
CA ILE A 168 2.75 -19.42 7.23
C ILE A 168 4.15 -19.84 6.81
N ASN A 169 5.06 -19.96 7.79
CA ASN A 169 6.40 -20.50 7.56
C ASN A 169 6.39 -21.97 7.17
N GLN A 170 5.57 -22.76 7.87
CA GLN A 170 5.43 -24.18 7.57
C GLN A 170 4.94 -24.37 6.13
N ALA A 171 3.91 -23.62 5.74
CA ALA A 171 3.41 -23.65 4.36
C ALA A 171 4.51 -23.28 3.36
N ALA A 172 5.27 -22.25 3.69
CA ALA A 172 6.40 -21.83 2.86
C ALA A 172 7.44 -22.93 2.66
N ARG A 173 7.83 -23.59 3.75
CA ARG A 173 8.80 -24.69 3.68
C ARG A 173 8.27 -25.84 2.84
N LEU A 174 6.98 -26.13 2.98
CA LEU A 174 6.33 -27.21 2.22
C LEU A 174 6.20 -26.86 0.74
N ASN A 175 6.36 -25.59 0.41
CA ASN A 175 6.38 -25.16 -0.99
C ASN A 175 7.79 -24.90 -1.54
N GLY A 176 8.81 -25.27 -0.77
CA GLY A 176 10.20 -25.20 -1.24
C GLY A 176 11.00 -23.97 -0.85
N TYR A 177 10.43 -23.09 -0.02
CA TYR A 177 11.13 -21.90 0.46
C TYR A 177 11.71 -22.14 1.86
N VAL A 178 12.56 -21.24 2.36
CA VAL A 178 13.10 -21.42 3.72
C VAL A 178 12.16 -20.85 4.78
N ASP A 179 11.37 -19.85 4.39
CA ASP A 179 10.38 -19.21 5.26
C ASP A 179 9.42 -18.35 4.43
N ALA A 180 8.43 -17.75 5.08
CA ALA A 180 7.39 -16.96 4.40
C ALA A 180 7.90 -15.70 3.72
N GLY A 181 8.93 -15.07 4.32
CA GLY A 181 9.55 -13.88 3.73
C GLY A 181 10.26 -14.22 2.44
N ASP A 182 10.94 -15.38 2.44
CA ASP A 182 11.57 -15.92 1.25
C ASP A 182 10.51 -16.09 0.15
N SER A 183 9.42 -16.77 0.50
CA SER A 183 8.29 -16.94 -0.42
C SER A 183 7.78 -15.60 -0.97
N TRP A 184 7.58 -14.62 -0.09
CA TRP A 184 7.10 -13.30 -0.50
C TRP A 184 8.07 -12.58 -1.44
N ARG A 185 9.34 -12.53 -1.08
CA ARG A 185 10.34 -11.86 -1.90
C ARG A 185 10.44 -12.46 -3.30
N SER A 186 10.22 -13.77 -3.39
CA SER A 186 10.28 -14.49 -4.67
C SER A 186 9.28 -13.99 -5.73
N MET A 187 8.20 -13.34 -5.28
CA MET A 187 7.21 -12.73 -6.18
C MET A 187 7.83 -11.72 -7.15
N TYR A 188 9.03 -11.22 -6.84
CA TYR A 188 9.71 -10.24 -7.68
C TYR A 188 10.65 -10.87 -8.70
N GLU A 189 10.92 -12.17 -8.52
CA GLU A 189 11.81 -12.94 -9.41
C GLU A 189 13.15 -12.22 -9.60
N THR A 190 13.63 -11.60 -8.52
CA THR A 190 14.82 -10.75 -8.53
C THR A 190 15.75 -11.14 -7.38
N PRO A 191 16.78 -11.97 -7.67
CA PRO A 191 17.69 -12.46 -6.63
C PRO A 191 18.42 -11.35 -5.87
N SER A 192 18.66 -10.22 -6.53
CA SER A 192 19.33 -9.07 -5.90
C SER A 192 18.35 -8.12 -5.20
N LEU A 193 17.10 -8.52 -5.04
CA LEU A 193 16.06 -7.65 -4.47
C LEU A 193 16.47 -6.87 -3.21
N GLU A 194 16.99 -7.56 -2.21
CA GLU A 194 17.29 -6.91 -0.93
C GLU A 194 18.36 -5.82 -1.08
N GLN A 195 19.39 -6.10 -1.88
CA GLN A 195 20.43 -5.11 -2.17
C GLN A 195 19.90 -3.97 -3.02
N ASP A 196 19.06 -4.31 -4.01
CA ASP A 196 18.44 -3.31 -4.90
C ASP A 196 17.66 -2.28 -4.10
N LEU A 197 16.83 -2.77 -3.18
CA LEU A 197 15.98 -1.90 -2.37
C LEU A 197 16.80 -1.11 -1.37
N GLU A 198 17.84 -1.74 -0.81
CA GLU A 198 18.76 -1.02 0.09
C GLU A 198 19.42 0.18 -0.60
N ARG A 199 19.91 -0.02 -1.82
CA ARG A 199 20.53 1.07 -2.59
C ARG A 199 19.55 2.21 -2.87
N LEU A 200 18.31 1.85 -3.23
CA LEU A 200 17.26 2.84 -3.50
C LEU A 200 16.91 3.62 -2.24
N PHE A 201 16.82 2.92 -1.11
CA PHE A 201 16.57 3.56 0.17
C PHE A 201 17.66 4.58 0.50
N GLN A 202 18.92 4.17 0.30
CA GLN A 202 20.07 5.04 0.57
C GLN A 202 20.08 6.32 -0.27
N GLU A 203 19.66 6.19 -1.54
CA GLU A 203 19.63 7.34 -2.45
C GLU A 203 18.62 8.40 -2.02
N LEU A 204 17.58 7.97 -1.30
CA LEU A 204 16.55 8.91 -0.83
C LEU A 204 16.81 9.48 0.56
N GLN A 205 17.95 9.08 1.14
CA GLN A 205 18.36 9.56 2.46
C GLN A 205 18.49 11.08 2.57
N PRO A 206 19.26 11.71 1.65
CA PRO A 206 19.40 13.18 1.75
C PRO A 206 18.07 13.92 1.76
N LEU A 207 17.13 13.48 0.93
CA LEU A 207 15.82 14.10 0.85
C LEU A 207 15.02 13.85 2.14
N TYR A 208 14.98 12.59 2.58
CA TYR A 208 14.23 12.27 3.80
C TYR A 208 14.80 12.97 5.03
N LEU A 209 16.12 12.90 5.21
CA LEU A 209 16.75 13.51 6.39
C LEU A 209 16.52 15.02 6.45
N ASN A 210 16.57 15.68 5.29
CA ASN A 210 16.29 17.11 5.21
C ASN A 210 14.83 17.44 5.47
N LEU A 211 13.93 16.58 4.99
CA LEU A 211 12.51 16.75 5.27
C LEU A 211 12.23 16.54 6.76
N HIS A 212 12.78 15.46 7.29
CA HIS A 212 12.64 15.11 8.71
C HIS A 212 13.09 16.26 9.60
N ALA A 213 14.27 16.80 9.32
CA ALA A 213 14.83 17.90 10.11
C ALA A 213 13.95 19.14 10.07
N TYR A 214 13.44 19.47 8.89
CA TYR A 214 12.59 20.65 8.70
C TYR A 214 11.25 20.49 9.44
N VAL A 215 10.62 19.34 9.28
CA VAL A 215 9.37 19.04 9.96
C VAL A 215 9.56 19.01 11.48
N ARG A 216 10.65 18.40 11.93
CA ARG A 216 11.01 18.38 13.36
C ARG A 216 11.07 19.81 13.93
N ARG A 217 11.69 20.72 13.17
CA ARG A 217 11.81 22.12 13.58
C ARG A 217 10.42 22.78 13.69
N ALA A 218 9.55 22.51 12.72
CA ALA A 218 8.18 23.05 12.74
C ALA A 218 7.35 22.49 13.91
N LEU A 219 7.55 21.22 14.23
CA LEU A 219 6.89 20.60 15.40
C LEU A 219 7.37 21.21 16.72
N HIS A 220 8.67 21.46 16.79
CA HIS A 220 9.30 22.13 17.93
C HIS A 220 8.62 23.48 18.18
N ARG A 221 8.36 24.22 17.10
CA ARG A 221 7.70 25.51 17.16
C ARG A 221 6.27 25.40 17.69
N HIS A 222 5.52 24.39 17.22
CA HIS A 222 4.12 24.26 17.62
C HIS A 222 3.90 23.56 18.97
N TYR A 223 4.59 22.45 19.17
CA TYR A 223 4.35 21.61 20.34
C TYR A 223 5.26 21.91 21.53
N GLY A 224 6.21 22.82 21.33
CA GLY A 224 7.07 23.28 22.42
C GLY A 224 8.43 22.61 22.53
N ALA A 225 9.41 23.37 22.99
CA ALA A 225 10.78 22.91 23.13
C ALA A 225 10.94 21.72 24.08
N GLN A 226 10.03 21.61 25.05
CA GLN A 226 10.10 20.51 26.03
C GLN A 226 9.65 19.16 25.46
N HIS A 227 8.98 19.20 24.31
CA HIS A 227 8.42 17.97 23.75
C HIS A 227 9.08 17.52 22.45
N ILE A 228 9.98 18.34 21.92
CA ILE A 228 10.69 18.02 20.68
C ILE A 228 12.18 18.24 20.89
N ASN A 229 12.96 17.18 20.73
CA ASN A 229 14.41 17.26 20.75
C ASN A 229 14.90 17.51 19.32
N LEU A 230 15.53 18.65 19.11
CA LEU A 230 15.99 19.06 17.77
C LEU A 230 17.13 18.20 17.23
N GLU A 231 17.65 17.31 18.08
CA GLU A 231 18.70 16.38 17.66
C GLU A 231 18.27 14.92 17.81
N GLY A 232 16.98 14.71 18.07
CA GLY A 232 16.46 13.37 18.31
C GLY A 232 15.34 12.95 17.39
N PRO A 233 14.79 11.75 17.62
CA PRO A 233 13.66 11.26 16.84
C PRO A 233 12.38 12.04 17.16
N ILE A 234 11.46 12.04 16.20
CA ILE A 234 10.18 12.72 16.33
C ILE A 234 9.15 11.79 16.98
N PRO A 235 8.42 12.29 17.99
CA PRO A 235 7.33 11.49 18.56
C PRO A 235 6.34 11.05 17.48
N ALA A 236 6.03 9.75 17.47
CA ALA A 236 5.31 9.10 16.37
C ALA A 236 3.84 9.50 16.15
N HIS A 237 3.28 10.29 17.08
CA HIS A 237 1.85 10.63 17.04
C HIS A 237 1.57 12.03 16.46
N LEU A 238 2.60 12.73 16.01
CA LEU A 238 2.47 14.14 15.63
C LEU A 238 2.49 14.40 14.13
N LEU A 239 2.42 13.34 13.32
CA LEU A 239 2.64 13.47 11.88
C LEU A 239 1.36 13.50 11.03
N GLY A 240 0.20 13.48 11.68
CA GLY A 240 -1.08 13.65 10.99
C GLY A 240 -1.71 12.34 10.54
N ASN A 241 -1.03 11.24 10.86
CA ASN A 241 -1.39 9.91 10.39
C ASN A 241 -1.14 8.91 11.52
N MET A 242 -2.05 7.94 11.66
CA MET A 242 -1.95 6.93 12.73
C MET A 242 -0.60 6.22 12.79
N TRP A 243 0.02 6.01 11.64
CA TRP A 243 1.26 5.26 11.56
C TRP A 243 2.46 6.13 11.19
N ALA A 244 2.23 7.44 11.13
CA ALA A 244 3.24 8.40 10.67
C ALA A 244 3.88 7.95 9.35
N GLN A 245 3.08 7.29 8.51
CA GLN A 245 3.57 6.77 7.23
C GLN A 245 3.58 7.84 6.14
N THR A 246 2.61 8.75 6.23
CA THR A 246 2.53 9.91 5.34
C THR A 246 2.22 11.11 6.23
N TRP A 247 2.78 12.26 5.88
CA TRP A 247 2.74 13.42 6.76
C TRP A 247 1.92 14.59 6.20
N SER A 248 1.17 14.36 5.13
CA SER A 248 0.51 15.47 4.43
C SER A 248 -0.51 16.25 5.27
N ASN A 249 -1.08 15.61 6.30
CA ASN A 249 -2.08 16.27 7.15
C ASN A 249 -1.53 17.35 8.09
N ILE A 250 -0.21 17.41 8.24
CA ILE A 250 0.41 18.51 9.00
C ILE A 250 1.01 19.57 8.08
N TYR A 251 0.56 19.60 6.83
CA TYR A 251 0.99 20.64 5.89
C TYR A 251 0.87 22.05 6.48
N ASP A 252 -0.27 22.34 7.13
CA ASP A 252 -0.51 23.65 7.71
C ASP A 252 0.49 24.06 8.80
N LEU A 253 1.11 23.08 9.45
CA LEU A 253 2.17 23.35 10.42
C LEU A 253 3.54 23.61 9.77
N VAL A 254 3.73 23.14 8.55
CA VAL A 254 5.07 23.18 7.93
C VAL A 254 5.16 23.99 6.64
N VAL A 255 4.04 24.58 6.22
CA VAL A 255 3.99 25.34 4.96
C VAL A 255 5.18 26.31 4.82
N PRO A 256 5.99 26.12 3.76
CA PRO A 256 7.17 26.94 3.49
C PRO A 256 6.87 28.43 3.36
N PHE A 257 5.83 28.75 2.58
CA PHE A 257 5.45 30.14 2.36
C PHE A 257 3.97 30.35 2.71
N PRO A 258 3.69 30.64 4.00
CA PRO A 258 2.32 30.86 4.46
C PRO A 258 1.67 32.10 3.83
N SER A 259 2.49 32.98 3.29
CA SER A 259 2.03 34.15 2.53
C SER A 259 1.42 33.74 1.19
N ALA A 260 1.73 32.52 0.75
CA ALA A 260 1.07 31.91 -0.40
C ALA A 260 0.15 30.79 0.07
N PRO A 261 -1.08 31.14 0.48
CA PRO A 261 -1.98 30.14 1.05
C PRO A 261 -2.67 29.29 -0.01
N SER A 262 -3.06 28.07 0.36
CA SER A 262 -3.78 27.18 -0.56
C SER A 262 -5.22 27.02 -0.13
N MET A 263 -6.11 26.81 -1.10
CA MET A 263 -7.51 26.61 -0.83
C MET A 263 -7.72 25.34 0.00
N ASP A 264 -8.64 25.42 0.96
CA ASP A 264 -9.00 24.25 1.78
C ASP A 264 -9.79 23.27 0.90
N THR A 265 -9.10 22.23 0.44
CA THR A 265 -9.63 21.28 -0.55
C THR A 265 -10.84 20.50 -0.02
N THR A 266 -10.76 20.06 1.23
CA THR A 266 -11.86 19.34 1.89
C THR A 266 -13.12 20.20 1.94
N GLU A 267 -12.99 21.43 2.45
CA GLU A 267 -14.10 22.38 2.47
C GLU A 267 -14.64 22.63 1.06
N ALA A 268 -13.74 22.72 0.08
CA ALA A 268 -14.11 22.94 -1.31
C ALA A 268 -14.91 21.77 -1.89
N MET A 269 -14.44 20.55 -1.63
CA MET A 269 -15.12 19.32 -2.08
C MET A 269 -16.52 19.19 -1.48
N LEU A 270 -16.63 19.44 -0.18
CA LEU A 270 -17.90 19.33 0.54
C LEU A 270 -18.91 20.40 0.11
N LYS A 271 -18.46 21.65 0.02
CA LYS A 271 -19.34 22.75 -0.39
C LYS A 271 -19.87 22.53 -1.81
N GLN A 272 -19.03 21.99 -2.68
CA GLN A 272 -19.39 21.76 -4.08
C GLN A 272 -20.11 20.43 -4.30
N GLY A 273 -20.42 19.73 -3.21
CA GLY A 273 -21.25 18.55 -3.25
C GLY A 273 -20.61 17.32 -3.88
N TRP A 274 -19.31 17.16 -3.67
CA TRP A 274 -18.63 15.93 -4.08
C TRP A 274 -19.15 14.77 -3.24
N THR A 275 -19.29 13.62 -3.88
CA THR A 275 -19.68 12.38 -3.21
C THR A 275 -18.63 11.32 -3.53
N PRO A 276 -18.58 10.22 -2.74
CA PRO A 276 -17.69 9.11 -3.10
C PRO A 276 -17.88 8.65 -4.55
N ARG A 277 -19.14 8.58 -4.99
CA ARG A 277 -19.47 8.19 -6.37
C ARG A 277 -18.81 9.12 -7.37
N ARG A 278 -18.90 10.43 -7.12
CA ARG A 278 -18.31 11.42 -8.02
C ARG A 278 -16.78 11.31 -8.04
N MET A 279 -16.20 10.97 -6.90
CA MET A 279 -14.75 10.84 -6.79
C MET A 279 -14.24 9.70 -7.68
N PHE A 280 -14.94 8.58 -7.65
CA PHE A 280 -14.58 7.44 -8.50
C PHE A 280 -14.89 7.68 -9.98
N LYS A 281 -15.95 8.44 -10.25
CA LYS A 281 -16.27 8.88 -11.60
C LYS A 281 -15.16 9.76 -12.18
N GLU A 282 -14.61 10.65 -11.36
CA GLU A 282 -13.49 11.49 -11.80
C GLU A 282 -12.24 10.67 -12.08
N ALA A 283 -11.99 9.66 -11.25
CA ALA A 283 -10.90 8.72 -11.52
C ALA A 283 -11.14 7.96 -12.82
N ASP A 284 -12.37 7.48 -13.01
CA ASP A 284 -12.76 6.80 -14.24
C ASP A 284 -12.48 7.70 -15.46
N ASP A 285 -12.87 8.96 -15.36
CA ASP A 285 -12.66 9.93 -16.45
C ASP A 285 -11.19 10.11 -16.81
N PHE A 286 -10.34 10.17 -15.79
CA PHE A 286 -8.90 10.34 -16.01
C PHE A 286 -8.33 9.16 -16.78
N PHE A 287 -8.72 7.95 -16.39
CA PHE A 287 -8.30 6.74 -17.10
C PHE A 287 -8.76 6.74 -18.56
N THR A 288 -10.02 7.09 -18.79
CA THR A 288 -10.57 7.11 -20.16
C THR A 288 -9.98 8.25 -21.00
N SER A 289 -9.61 9.36 -20.36
CA SER A 289 -8.95 10.47 -21.05
C SER A 289 -7.62 10.02 -21.66
N LEU A 290 -6.97 9.05 -21.05
CA LEU A 290 -5.73 8.49 -21.56
C LEU A 290 -5.97 7.42 -22.65
N GLY A 291 -7.24 7.11 -22.90
CA GLY A 291 -7.60 6.08 -23.87
C GLY A 291 -7.65 4.69 -23.24
N LEU A 292 -7.56 4.64 -21.91
CA LEU A 292 -7.64 3.38 -21.18
C LEU A 292 -9.10 2.99 -20.99
N LEU A 293 -9.36 1.80 -20.45
CA LEU A 293 -10.71 1.27 -20.35
C LEU A 293 -11.57 1.92 -19.26
N PRO A 294 -12.86 2.14 -19.56
CA PRO A 294 -13.82 2.52 -18.53
C PRO A 294 -14.20 1.29 -17.72
N VAL A 295 -14.57 1.50 -16.46
CA VAL A 295 -15.10 0.41 -15.66
C VAL A 295 -16.49 0.05 -16.20
N PRO A 296 -16.83 -1.25 -16.20
CA PRO A 296 -18.16 -1.69 -16.68
C PRO A 296 -19.30 -1.15 -15.81
N PRO A 297 -20.54 -1.12 -16.35
CA PRO A 297 -21.72 -0.74 -15.56
C PRO A 297 -21.85 -1.59 -14.28
N GLU A 298 -21.48 -2.86 -14.37
CA GLU A 298 -21.50 -3.79 -13.23
C GLU A 298 -20.67 -3.29 -12.03
N PHE A 299 -19.57 -2.60 -12.32
CA PHE A 299 -18.72 -2.02 -11.27
C PHE A 299 -19.52 -1.07 -10.38
N TRP A 300 -20.28 -0.17 -11.00
CA TRP A 300 -21.06 0.82 -10.27
C TRP A 300 -22.19 0.18 -9.47
N ASN A 301 -22.72 -0.92 -10.00
CA ASN A 301 -23.81 -1.65 -9.38
C ASN A 301 -23.39 -2.44 -8.14
N LYS A 302 -22.18 -3.01 -8.20
CA LYS A 302 -21.75 -3.98 -7.18
C LYS A 302 -20.71 -3.49 -6.16
N SER A 303 -20.02 -2.40 -6.47
CA SER A 303 -18.98 -1.87 -5.57
C SER A 303 -19.56 -1.30 -4.27
N MET A 304 -18.76 -1.31 -3.22
CA MET A 304 -19.10 -0.64 -1.96
C MET A 304 -18.17 0.56 -1.82
N LEU A 305 -18.67 1.73 -2.21
CA LEU A 305 -17.82 2.92 -2.29
C LEU A 305 -17.94 3.83 -1.08
N GLU A 306 -18.78 3.44 -0.13
CA GLU A 306 -18.89 4.14 1.14
C GLU A 306 -19.27 3.18 2.26
N LYS A 307 -18.96 3.56 3.48
CA LYS A 307 -19.32 2.79 4.67
C LYS A 307 -20.83 2.68 4.76
N PRO A 308 -21.36 1.45 4.93
CA PRO A 308 -22.80 1.27 5.06
C PRO A 308 -23.36 1.94 6.31
N THR A 309 -24.56 2.49 6.19
CA THR A 309 -25.34 2.96 7.33
C THR A 309 -26.33 1.85 7.69
N ASP A 310 -26.22 0.76 6.95
CA ASP A 310 -27.01 -0.46 7.06
C ASP A 310 -27.05 -1.06 8.48
N GLY A 311 -26.12 -0.65 9.33
CA GLY A 311 -25.91 -1.30 10.61
C GLY A 311 -24.81 -2.35 10.49
N ARG A 312 -24.45 -2.67 9.25
CA ARG A 312 -23.44 -3.67 8.91
C ARG A 312 -22.04 -3.36 9.47
N GLU A 313 -21.36 -4.43 9.86
CA GLU A 313 -19.94 -4.39 10.18
C GLU A 313 -19.17 -4.78 8.91
N VAL A 314 -18.17 -3.98 8.54
CA VAL A 314 -17.41 -4.20 7.31
C VAL A 314 -15.90 -4.02 7.52
N VAL A 315 -15.11 -4.56 6.59
CA VAL A 315 -13.69 -4.23 6.49
C VAL A 315 -13.59 -2.93 5.71
N CYS A 316 -13.22 -1.86 6.39
CA CYS A 316 -13.19 -0.53 5.76
C CYS A 316 -11.99 -0.26 4.86
N HIS A 317 -10.86 -0.93 5.13
CA HIS A 317 -9.64 -0.68 4.37
C HIS A 317 -9.86 -0.88 2.87
N ALA A 318 -9.54 0.16 2.09
CA ALA A 318 -9.73 0.16 0.65
C ALA A 318 -9.12 -1.05 -0.02
N SER A 319 -9.90 -1.68 -0.89
CA SER A 319 -9.38 -2.77 -1.72
C SER A 319 -10.09 -2.85 -3.07
N ALA A 320 -9.39 -3.43 -4.03
CA ALA A 320 -9.90 -3.66 -5.37
C ALA A 320 -9.93 -5.16 -5.64
N TRP A 321 -11.02 -5.61 -6.22
CA TRP A 321 -11.33 -7.02 -6.33
C TRP A 321 -11.51 -7.49 -7.78
N ASP A 322 -10.82 -8.56 -8.12
CA ASP A 322 -10.96 -9.22 -9.42
C ASP A 322 -11.70 -10.52 -9.18
N PHE A 323 -12.84 -10.68 -9.84
CA PHE A 323 -13.70 -11.86 -9.63
C PHE A 323 -13.48 -13.00 -10.62
N TYR A 324 -12.38 -12.89 -11.38
CA TYR A 324 -11.85 -14.00 -12.19
C TYR A 324 -12.77 -14.45 -13.32
N ASN A 325 -13.63 -13.55 -13.81
CA ASN A 325 -14.52 -13.88 -14.92
C ASN A 325 -14.41 -12.87 -16.08
N GLY A 326 -13.47 -11.94 -15.96
CA GLY A 326 -13.24 -10.92 -16.98
C GLY A 326 -14.34 -9.88 -17.14
N LYS A 327 -15.30 -9.86 -16.21
CA LYS A 327 -16.47 -8.98 -16.31
C LYS A 327 -16.71 -8.22 -15.01
N ASP A 328 -16.49 -8.90 -13.89
CA ASP A 328 -16.86 -8.43 -12.57
C ASP A 328 -15.63 -7.92 -11.81
N PHE A 329 -15.57 -6.59 -11.64
CA PHE A 329 -14.50 -5.92 -10.92
C PHE A 329 -15.13 -4.94 -9.93
N ARG A 330 -14.61 -4.91 -8.70
CA ARG A 330 -15.23 -4.10 -7.65
C ARG A 330 -14.23 -3.41 -6.74
N ILE A 331 -14.64 -2.27 -6.20
CA ILE A 331 -13.90 -1.59 -5.16
C ILE A 331 -14.71 -1.62 -3.87
N LYS A 332 -14.03 -1.88 -2.76
CA LYS A 332 -14.60 -1.80 -1.43
C LYS A 332 -13.79 -0.79 -0.62
N GLN A 333 -14.40 0.36 -0.35
CA GLN A 333 -13.72 1.46 0.33
C GLN A 333 -14.71 2.28 1.16
N CYS A 334 -14.34 2.56 2.41
CA CYS A 334 -15.12 3.45 3.25
C CYS A 334 -14.66 4.90 2.98
N THR A 335 -15.09 5.41 1.83
CA THR A 335 -14.61 6.69 1.31
C THR A 335 -15.11 7.87 2.14
N THR A 336 -14.19 8.75 2.49
CA THR A 336 -14.53 10.05 3.05
C THR A 336 -14.35 11.07 1.94
N VAL A 337 -15.21 12.09 1.91
CA VAL A 337 -15.09 13.15 0.91
C VAL A 337 -13.95 14.11 1.31
N ASN A 338 -12.74 13.79 0.85
CA ASN A 338 -11.59 14.68 1.00
C ASN A 338 -10.54 14.42 -0.07
N LEU A 339 -9.52 15.27 -0.13
CA LEU A 339 -8.45 15.11 -1.12
C LEU A 339 -7.69 13.80 -0.97
N GLU A 340 -7.41 13.42 0.28
CA GLU A 340 -6.69 12.17 0.58
C GLU A 340 -7.36 10.97 -0.08
N ASP A 341 -8.67 10.84 0.12
CA ASP A 341 -9.41 9.71 -0.44
C ASP A 341 -9.65 9.82 -1.94
N LEU A 342 -9.52 11.03 -2.51
CA LEU A 342 -9.59 11.20 -3.95
C LEU A 342 -8.36 10.56 -4.59
N VAL A 343 -7.20 10.77 -3.97
CA VAL A 343 -5.97 10.10 -4.35
C VAL A 343 -6.11 8.57 -4.18
N VAL A 344 -6.65 8.14 -3.02
CA VAL A 344 -6.91 6.72 -2.77
C VAL A 344 -7.85 6.12 -3.83
N ALA A 345 -8.87 6.90 -4.21
CA ALA A 345 -9.79 6.47 -5.28
C ALA A 345 -9.06 6.19 -6.59
N HIS A 346 -8.13 7.07 -6.95
CA HIS A 346 -7.31 6.87 -8.16
C HIS A 346 -6.43 5.64 -8.03
N HIS A 347 -5.84 5.45 -6.85
CA HIS A 347 -5.01 4.29 -6.56
C HIS A 347 -5.76 2.98 -6.82
N GLU A 348 -6.95 2.88 -6.24
CA GLU A 348 -7.78 1.67 -6.34
C GLU A 348 -8.28 1.44 -7.77
N MET A 349 -8.57 2.53 -8.47
CA MET A 349 -9.00 2.47 -9.86
C MET A 349 -7.89 1.96 -10.78
N GLY A 350 -6.64 2.22 -10.38
CA GLY A 350 -5.47 1.68 -11.08
C GLY A 350 -5.41 0.17 -11.00
N HIS A 351 -5.75 -0.38 -9.84
CA HIS A 351 -5.89 -1.83 -9.66
C HIS A 351 -6.97 -2.41 -10.58
N ILE A 352 -8.12 -1.74 -10.64
CA ILE A 352 -9.21 -2.16 -11.54
C ILE A 352 -8.79 -2.12 -13.00
N GLN A 353 -8.07 -1.07 -13.38
CA GLN A 353 -7.58 -0.94 -14.75
C GLN A 353 -6.65 -2.11 -15.09
N TYR A 354 -5.79 -2.48 -14.13
CA TYR A 354 -4.86 -3.57 -14.33
C TYR A 354 -5.62 -4.89 -14.56
N PHE A 355 -6.64 -5.14 -13.73
CA PHE A 355 -7.49 -6.34 -13.89
C PHE A 355 -8.09 -6.41 -15.29
N MET A 356 -8.59 -5.28 -15.77
CA MET A 356 -9.25 -5.23 -17.07
C MET A 356 -8.26 -5.40 -18.22
N GLN A 357 -7.05 -4.89 -18.04
CA GLN A 357 -6.02 -4.96 -19.07
C GLN A 357 -5.47 -6.37 -19.30
N TYR A 358 -5.34 -7.16 -18.24
CA TYR A 358 -4.82 -8.52 -18.37
C TYR A 358 -5.88 -9.63 -18.27
N LYS A 359 -7.14 -9.26 -18.39
CA LYS A 359 -8.26 -10.18 -18.21
C LYS A 359 -8.29 -11.38 -19.17
N ASP A 360 -7.65 -11.21 -20.34
CA ASP A 360 -7.65 -12.26 -21.37
C ASP A 360 -6.49 -13.26 -21.23
N LEU A 361 -5.61 -13.03 -20.26
CA LEU A 361 -4.54 -13.96 -19.97
C LEU A 361 -5.07 -15.14 -19.14
N PRO A 362 -4.35 -16.28 -19.16
CA PRO A 362 -4.61 -17.37 -18.21
C PRO A 362 -4.47 -16.86 -16.78
N VAL A 363 -5.39 -17.27 -15.90
CA VAL A 363 -5.47 -16.73 -14.53
C VAL A 363 -4.17 -16.76 -13.72
N ALA A 364 -3.33 -17.76 -13.98
CA ALA A 364 -2.04 -17.88 -13.31
C ALA A 364 -1.15 -16.68 -13.59
N LEU A 365 -1.40 -16.02 -14.72
CA LEU A 365 -0.61 -14.87 -15.14
C LEU A 365 -1.39 -13.55 -15.00
N ARG A 366 -2.56 -13.63 -14.38
CA ARG A 366 -3.37 -12.44 -14.10
C ARG A 366 -2.90 -11.74 -12.81
N GLU A 367 -1.68 -11.20 -12.87
CA GLU A 367 -1.06 -10.44 -11.78
C GLU A 367 -0.26 -9.30 -12.41
N GLY A 368 0.19 -8.36 -11.58
CA GLY A 368 1.07 -7.29 -12.06
C GLY A 368 2.42 -7.86 -12.48
N ALA A 369 3.17 -7.11 -13.28
CA ALA A 369 4.54 -7.50 -13.65
C ALA A 369 5.33 -7.87 -12.40
N ASN A 370 5.13 -7.08 -11.35
CA ASN A 370 5.44 -7.50 -9.98
C ASN A 370 4.43 -6.74 -9.12
N PRO A 371 4.29 -7.09 -7.81
CA PRO A 371 3.26 -6.43 -7.02
C PRO A 371 3.41 -4.91 -6.91
N GLY A 372 4.64 -4.41 -6.99
CA GLY A 372 4.90 -2.95 -7.05
C GLY A 372 4.23 -2.28 -8.23
N PHE A 373 4.27 -2.91 -9.39
CA PHE A 373 3.58 -2.40 -10.60
C PHE A 373 2.08 -2.20 -10.37
N HIS A 374 1.45 -3.17 -9.71
CA HIS A 374 0.01 -3.12 -9.47
C HIS A 374 -0.35 -1.93 -8.60
N GLU A 375 0.50 -1.66 -7.60
CA GLU A 375 0.30 -0.54 -6.70
C GLU A 375 0.61 0.81 -7.34
N ALA A 376 1.45 0.80 -8.38
CA ALA A 376 1.96 2.03 -8.96
C ALA A 376 1.02 2.71 -9.96
N ILE A 377 0.21 1.91 -10.66
CA ILE A 377 -0.58 2.42 -11.79
C ILE A 377 -1.44 3.63 -11.40
N GLY A 378 -2.27 3.44 -10.37
CA GLY A 378 -3.19 4.49 -9.92
C GLY A 378 -2.45 5.70 -9.39
N ASP A 379 -1.32 5.45 -8.74
CA ASP A 379 -0.48 6.52 -8.21
C ASP A 379 0.12 7.41 -9.29
N VAL A 380 0.48 6.81 -10.43
CA VAL A 380 1.04 7.57 -11.54
C VAL A 380 0.06 8.65 -12.01
N LEU A 381 -1.18 8.24 -12.28
CA LEU A 381 -2.24 9.17 -12.67
C LEU A 381 -2.50 10.18 -11.57
N ALA A 382 -2.49 9.72 -10.32
CA ALA A 382 -2.73 10.58 -9.17
C ALA A 382 -1.70 11.70 -9.03
N LEU A 383 -0.48 11.46 -9.54
CA LEU A 383 0.56 12.51 -9.54
C LEU A 383 0.13 13.69 -10.40
N SER A 384 -0.52 13.40 -11.52
CA SER A 384 -1.05 14.44 -12.40
C SER A 384 -2.30 15.09 -11.81
N VAL A 385 -3.16 14.27 -11.20
CA VAL A 385 -4.36 14.75 -10.53
C VAL A 385 -4.01 15.78 -9.47
N SER A 386 -2.91 15.54 -8.77
CA SER A 386 -2.46 16.34 -7.64
C SER A 386 -1.85 17.69 -8.00
N THR A 387 -1.49 17.87 -9.27
CA THR A 387 -0.91 19.14 -9.72
C THR A 387 -1.87 20.30 -9.49
N PRO A 388 -1.34 21.48 -9.09
CA PRO A 388 -2.19 22.65 -8.92
C PRO A 388 -3.03 22.95 -10.16
N LYS A 389 -2.45 22.73 -11.34
CA LYS A 389 -3.17 22.88 -12.61
C LYS A 389 -4.42 22.00 -12.70
N HIS A 390 -4.31 20.73 -12.33
CA HIS A 390 -5.45 19.83 -12.43
C HIS A 390 -6.46 20.04 -11.31
N LEU A 391 -5.97 20.35 -10.11
CA LEU A 391 -6.84 20.61 -8.96
C LEU A 391 -7.64 21.89 -9.16
N HIS A 392 -7.01 22.90 -9.76
CA HIS A 392 -7.71 24.16 -10.09
C HIS A 392 -8.80 23.91 -11.12
N SER A 393 -8.53 23.01 -12.07
CA SER A 393 -9.52 22.62 -13.08
C SER A 393 -10.70 21.84 -12.48
N LEU A 394 -10.48 21.23 -11.33
CA LEU A 394 -11.54 20.53 -10.61
C LEU A 394 -12.24 21.45 -9.61
N ASN A 395 -11.78 22.71 -9.57
CA ASN A 395 -12.29 23.74 -8.66
C ASN A 395 -11.97 23.46 -7.19
N LEU A 396 -10.80 22.88 -6.95
CA LEU A 396 -10.37 22.52 -5.60
C LEU A 396 -9.20 23.38 -5.13
N LEU A 397 -8.59 24.09 -6.07
CA LEU A 397 -7.58 25.11 -5.77
C LEU A 397 -7.86 26.36 -6.59
N SER A 398 -7.21 27.46 -6.22
CA SER A 398 -7.31 28.71 -6.97
C SER A 398 -5.95 29.10 -7.56
N SER A 403 3.73 31.14 -9.20
CA SER A 403 4.80 31.75 -8.40
C SER A 403 5.71 30.68 -7.81
N ASP A 404 6.94 31.07 -7.50
CA ASP A 404 7.93 30.17 -6.89
C ASP A 404 7.51 29.73 -5.49
N GLU A 405 6.79 30.60 -4.78
CA GLU A 405 6.33 30.28 -3.43
C GLU A 405 5.32 29.14 -3.44
N HIS A 406 4.30 29.25 -4.29
CA HIS A 406 3.30 28.19 -4.48
C HIS A 406 3.94 26.90 -4.97
N ASP A 407 4.98 27.05 -5.79
CA ASP A 407 5.72 25.91 -6.34
C ASP A 407 6.42 25.09 -5.25
N ILE A 408 7.15 25.79 -4.36
CA ILE A 408 7.82 25.16 -3.23
C ILE A 408 6.80 24.61 -2.24
N ASN A 409 5.70 25.35 -2.06
CA ASN A 409 4.58 24.87 -1.26
C ASN A 409 4.02 23.55 -1.77
N PHE A 410 3.83 23.44 -3.09
CA PHE A 410 3.33 22.21 -3.71
C PHE A 410 4.31 21.05 -3.51
N LEU A 411 5.60 21.32 -3.75
CA LEU A 411 6.63 20.30 -3.61
C LEU A 411 6.71 19.79 -2.17
N MET A 412 6.54 20.70 -1.21
CA MET A 412 6.52 20.33 0.21
C MET A 412 5.33 19.41 0.50
N LYS A 413 4.16 19.81 0.03
CA LYS A 413 2.95 19.00 0.17
C LYS A 413 3.18 17.59 -0.38
N MET A 414 3.73 17.50 -1.57
CA MET A 414 4.02 16.20 -2.18
C MET A 414 5.07 15.43 -1.39
N ALA A 415 6.10 16.11 -0.88
CA ALA A 415 7.13 15.48 -0.09
C ALA A 415 6.58 14.82 1.17
N LEU A 416 5.65 15.52 1.83
CA LEU A 416 5.02 15.01 3.04
C LEU A 416 4.33 13.66 2.82
N ASP A 417 3.80 13.47 1.63
CA ASP A 417 3.23 12.17 1.24
C ASP A 417 4.33 11.22 0.78
N LYS A 418 5.01 11.58 -0.30
CA LYS A 418 5.84 10.62 -1.05
C LYS A 418 7.19 10.31 -0.39
N ILE A 419 7.89 11.34 0.07
CA ILE A 419 9.19 11.18 0.70
C ILE A 419 9.09 10.53 2.08
N ALA A 420 8.17 11.02 2.90
CA ALA A 420 7.96 10.47 4.26
C ALA A 420 7.61 8.97 4.25
N PHE A 421 6.94 8.53 3.19
CA PHE A 421 6.51 7.13 3.10
C PHE A 421 7.65 6.16 2.77
N ILE A 422 8.70 6.67 2.15
CA ILE A 422 9.84 5.84 1.74
C ILE A 422 10.42 4.99 2.88
N PRO A 423 10.80 5.61 4.03
CA PRO A 423 11.33 4.76 5.10
C PRO A 423 10.29 3.86 5.75
N PHE A 424 9.04 4.33 5.88
CA PHE A 424 8.01 3.48 6.46
C PHE A 424 7.79 2.22 5.62
N SER A 425 7.59 2.42 4.31
CA SER A 425 7.31 1.32 3.39
C SER A 425 8.46 0.34 3.27
N TYR A 426 9.67 0.84 3.53
CA TYR A 426 10.86 0.01 3.58
C TYR A 426 10.87 -0.85 4.84
N LEU A 427 10.51 -0.26 5.98
CA LEU A 427 10.74 -0.96 7.25
C LEU A 427 9.74 -2.06 7.59
N VAL A 428 8.52 -1.96 7.09
CA VAL A 428 7.49 -2.92 7.49
C VAL A 428 7.94 -4.36 7.22
N ASP A 429 8.35 -4.64 5.99
CA ASP A 429 8.83 -5.98 5.67
C ASP A 429 10.27 -6.25 6.12
N GLN A 430 11.06 -5.20 6.37
CA GLN A 430 12.35 -5.45 7.05
C GLN A 430 12.09 -6.14 8.38
N TRP A 431 11.05 -5.69 9.09
CA TRP A 431 10.64 -6.30 10.34
C TRP A 431 10.04 -7.70 10.12
N ARG A 432 9.09 -7.81 9.19
CA ARG A 432 8.42 -9.10 8.94
C ARG A 432 9.33 -10.20 8.40
N TRP A 433 10.28 -9.85 7.54
CA TRP A 433 11.23 -10.81 7.00
C TRP A 433 12.06 -11.42 8.12
N ARG A 434 12.41 -10.60 9.11
CA ARG A 434 13.19 -11.06 10.25
C ARG A 434 12.32 -11.83 11.27
N VAL A 435 11.04 -11.50 11.34
CA VAL A 435 10.08 -12.33 12.09
C VAL A 435 9.99 -13.71 11.42
N PHE A 436 9.79 -13.71 10.10
CA PHE A 436 9.67 -14.95 9.35
C PHE A 436 10.93 -15.82 9.38
N ASP A 437 12.11 -15.19 9.27
CA ASP A 437 13.35 -15.97 9.28
C ASP A 437 13.87 -16.36 10.67
N GLY A 438 13.15 -15.93 11.71
CA GLY A 438 13.48 -16.31 13.08
C GLY A 438 14.36 -15.35 13.86
N SER A 439 14.88 -14.33 13.18
CA SER A 439 15.75 -13.31 13.80
C SER A 439 15.03 -12.52 14.89
N ILE A 440 13.74 -12.29 14.70
CA ILE A 440 12.89 -11.62 15.68
C ILE A 440 11.88 -12.64 16.20
N THR A 441 11.93 -12.91 17.50
CA THR A 441 11.00 -13.84 18.13
C THR A 441 9.90 -13.07 18.84
N LYS A 442 8.88 -13.76 19.32
CA LYS A 442 7.78 -13.11 20.04
C LYS A 442 8.23 -12.39 21.31
N GLU A 443 9.42 -12.72 21.81
CA GLU A 443 9.93 -12.04 23.00
C GLU A 443 10.38 -10.61 22.69
N ASN A 444 10.68 -10.32 21.43
CA ASN A 444 11.07 -8.96 21.05
C ASN A 444 10.42 -8.40 19.79
N TYR A 445 9.23 -8.89 19.44
CA TYR A 445 8.44 -8.33 18.35
C TYR A 445 8.47 -6.80 18.38
N ASN A 446 8.03 -6.25 19.50
CA ASN A 446 7.77 -4.83 19.61
C ASN A 446 9.04 -4.01 19.72
N GLN A 447 9.98 -4.48 20.53
CA GLN A 447 11.28 -3.83 20.69
C GLN A 447 11.99 -3.66 19.35
N GLU A 448 11.98 -4.71 18.53
CA GLU A 448 12.63 -4.67 17.23
C GLU A 448 11.89 -3.78 16.25
N TRP A 449 10.56 -3.78 16.34
CA TRP A 449 9.73 -2.87 15.55
C TRP A 449 10.19 -1.42 15.80
N TRP A 450 10.29 -1.04 17.07
CA TRP A 450 10.71 0.32 17.41
C TRP A 450 12.16 0.66 17.11
N SER A 451 13.03 -0.35 17.12
CA SER A 451 14.41 -0.20 16.65
C SER A 451 14.44 0.22 15.18
N LEU A 452 13.57 -0.39 14.38
CA LEU A 452 13.49 -0.06 12.96
C LEU A 452 12.79 1.26 12.71
N ARG A 453 11.75 1.56 13.51
CA ARG A 453 11.07 2.86 13.46
C ARG A 453 12.05 4.00 13.74
N LEU A 454 12.94 3.76 14.68
CA LEU A 454 14.04 4.67 14.95
C LEU A 454 15.06 4.71 13.81
N LYS A 455 15.59 3.54 13.44
CA LYS A 455 16.68 3.44 12.46
C LYS A 455 16.32 4.01 11.09
N TYR A 456 15.13 3.69 10.60
CA TYR A 456 14.75 4.12 9.24
C TYR A 456 14.00 5.43 9.20
N GLN A 457 13.02 5.61 10.09
CA GLN A 457 12.14 6.78 10.06
C GLN A 457 12.55 7.91 11.00
N GLY A 458 13.39 7.60 11.99
CA GLY A 458 13.75 8.58 13.02
C GLY A 458 12.57 8.99 13.86
N LEU A 459 11.78 7.99 14.25
CA LEU A 459 10.63 8.20 15.12
C LEU A 459 10.83 7.46 16.43
N CYS A 460 10.22 7.99 17.48
CA CYS A 460 10.19 7.33 18.78
C CYS A 460 8.74 7.22 19.24
N PRO A 461 8.44 6.21 20.08
CA PRO A 461 7.07 6.16 20.61
C PRO A 461 6.87 7.25 21.66
N PRO A 462 5.71 7.95 21.62
CA PRO A 462 5.46 9.03 22.59
C PRO A 462 5.32 8.51 24.02
N VAL A 463 4.88 7.26 24.16
CA VAL A 463 4.73 6.60 25.44
C VAL A 463 5.57 5.31 25.43
N PRO A 464 6.30 5.03 26.51
CA PRO A 464 7.09 3.79 26.53
C PRO A 464 6.21 2.56 26.30
N ARG A 465 6.71 1.61 25.52
CA ARG A 465 5.97 0.39 25.24
C ARG A 465 6.14 -0.55 26.42
N THR A 466 5.16 -1.41 26.64
CA THR A 466 5.23 -2.38 27.73
C THR A 466 5.05 -3.77 27.17
N GLN A 467 5.39 -4.79 27.97
CA GLN A 467 5.17 -6.17 27.57
C GLN A 467 3.68 -6.35 27.33
N GLY A 468 3.33 -7.06 26.26
CA GLY A 468 1.94 -7.22 25.87
C GLY A 468 1.58 -6.31 24.71
N ASP A 469 2.37 -5.26 24.50
CA ASP A 469 2.17 -4.38 23.36
C ASP A 469 2.60 -5.08 22.08
N PHE A 470 1.79 -4.92 21.04
CA PHE A 470 2.13 -5.44 19.72
C PHE A 470 1.73 -4.41 18.69
N ASP A 471 2.53 -3.35 18.61
CA ASP A 471 2.24 -2.22 17.74
C ASP A 471 2.14 -2.55 16.24
N PRO A 472 2.95 -3.53 15.74
CA PRO A 472 2.74 -3.90 14.35
C PRO A 472 1.32 -4.38 14.05
N GLY A 473 0.67 -4.97 15.06
CA GLY A 473 -0.71 -5.46 14.91
C GLY A 473 -1.72 -4.36 14.66
N ALA A 474 -1.33 -3.12 14.94
CA ALA A 474 -2.20 -1.96 14.76
C ALA A 474 -2.15 -1.39 13.34
N LYS A 475 -1.38 -2.03 12.47
CA LYS A 475 -1.30 -1.66 11.06
C LYS A 475 -1.96 -2.74 10.22
N PHE A 476 -2.94 -2.34 9.41
CA PHE A 476 -3.81 -3.28 8.66
C PHE A 476 -3.11 -4.50 8.05
N HIS A 477 -2.01 -4.26 7.32
CA HIS A 477 -1.35 -5.30 6.53
C HIS A 477 -0.74 -6.43 7.36
N ILE A 478 -0.49 -6.17 8.64
CA ILE A 478 0.08 -7.16 9.55
C ILE A 478 -0.94 -8.27 9.88
N PRO A 479 -2.09 -7.93 10.54
CA PRO A 479 -3.06 -9.00 10.76
C PRO A 479 -3.73 -9.51 9.48
N SER A 480 -3.74 -8.70 8.43
CA SER A 480 -4.32 -9.13 7.15
C SER A 480 -3.37 -9.94 6.27
N SER A 481 -2.13 -10.09 6.72
CA SER A 481 -1.10 -10.83 5.99
C SER A 481 -0.92 -10.35 4.53
N VAL A 482 -0.81 -9.04 4.38
CA VAL A 482 -0.61 -8.41 3.09
C VAL A 482 0.82 -7.89 3.03
N PRO A 483 1.64 -8.40 2.07
CA PRO A 483 3.02 -7.96 1.96
C PRO A 483 3.12 -6.46 1.76
N TYR A 484 4.20 -5.86 2.25
CA TYR A 484 4.32 -4.41 2.23
C TYR A 484 5.38 -3.83 1.30
N ILE A 485 6.40 -4.61 0.98
CA ILE A 485 7.50 -4.08 0.17
C ILE A 485 7.02 -3.56 -1.19
N ARG A 486 5.94 -4.15 -1.72
CA ARG A 486 5.22 -3.60 -2.89
C ARG A 486 5.01 -2.07 -2.87
N TYR A 487 4.77 -1.48 -1.70
CA TYR A 487 4.51 -0.05 -1.60
C TYR A 487 5.79 0.77 -1.72
N PHE A 488 6.90 0.23 -1.25
CA PHE A 488 8.20 0.86 -1.41
C PHE A 488 8.57 0.87 -2.88
N VAL A 489 8.49 -0.30 -3.51
CA VAL A 489 8.74 -0.45 -4.94
C VAL A 489 7.84 0.51 -5.74
N SER A 490 6.55 0.53 -5.40
CA SER A 490 5.58 1.41 -6.05
C SER A 490 6.02 2.86 -6.05
N PHE A 491 6.46 3.34 -4.89
CA PHE A 491 6.81 4.75 -4.74
C PHE A 491 8.04 5.17 -5.55
N ILE A 492 9.00 4.26 -5.66
CA ILE A 492 10.15 4.48 -6.55
C ILE A 492 9.69 4.48 -8.01
N ILE A 493 9.00 3.43 -8.44
CA ILE A 493 8.74 3.24 -9.86
C ILE A 493 7.64 4.15 -10.41
N GLN A 494 6.74 4.61 -9.56
CA GLN A 494 5.69 5.52 -10.04
C GLN A 494 6.30 6.82 -10.59
N PHE A 495 7.40 7.29 -10.00
CA PHE A 495 8.07 8.48 -10.51
C PHE A 495 8.80 8.22 -11.82
N GLN A 496 9.40 7.03 -11.96
CA GLN A 496 9.96 6.59 -13.23
C GLN A 496 8.89 6.57 -14.33
N PHE A 497 7.71 6.04 -14.00
CA PHE A 497 6.61 5.98 -14.94
C PHE A 497 6.13 7.39 -15.31
N HIS A 498 5.92 8.22 -14.29
CA HIS A 498 5.56 9.63 -14.46
C HIS A 498 6.50 10.34 -15.44
N GLU A 499 7.80 10.25 -15.17
CA GLU A 499 8.82 10.88 -16.01
C GLU A 499 8.75 10.42 -17.45
N ALA A 500 8.65 9.11 -17.64
CA ALA A 500 8.59 8.50 -18.97
C ALA A 500 7.30 8.88 -19.73
N LEU A 501 6.17 8.89 -19.04
CA LEU A 501 4.88 9.23 -19.66
C LEU A 501 4.78 10.72 -20.00
N CYS A 502 5.43 11.55 -19.19
CA CYS A 502 5.49 12.99 -19.42
C CYS A 502 6.31 13.31 -20.66
N GLN A 503 7.44 12.61 -20.80
CA GLN A 503 8.26 12.69 -22.01
C GLN A 503 7.51 12.17 -23.24
N ALA A 504 6.83 11.03 -23.09
CA ALA A 504 5.97 10.48 -24.15
C ALA A 504 4.85 11.43 -24.54
N ALA A 505 4.37 12.22 -23.58
CA ALA A 505 3.35 13.23 -23.81
C ALA A 505 3.93 14.54 -24.35
N GLY A 506 5.24 14.59 -24.50
CA GLY A 506 5.94 15.75 -25.07
C GLY A 506 6.00 16.96 -24.15
N HIS A 507 5.98 16.72 -22.85
CA HIS A 507 6.07 17.83 -21.89
C HIS A 507 7.51 18.16 -21.57
N THR A 508 7.79 19.47 -21.50
CA THR A 508 9.11 19.97 -21.13
C THR A 508 9.00 20.68 -19.79
N GLY A 509 10.13 21.17 -19.29
CA GLY A 509 10.14 21.88 -18.00
C GLY A 509 10.20 20.91 -16.83
N PRO A 510 10.10 21.44 -15.60
CA PRO A 510 10.27 20.63 -14.40
C PRO A 510 9.24 19.49 -14.35
N LEU A 511 9.70 18.32 -13.92
CA LEU A 511 8.88 17.12 -13.89
C LEU A 511 7.62 17.29 -13.03
N HIS A 512 7.75 18.02 -11.92
CA HIS A 512 6.64 18.21 -10.98
C HIS A 512 5.49 19.07 -11.53
N LYS A 513 5.72 19.71 -12.67
CA LYS A 513 4.70 20.53 -13.31
C LYS A 513 3.89 19.75 -14.35
N CYS A 514 4.36 18.54 -14.69
CA CYS A 514 3.70 17.72 -15.71
C CYS A 514 2.36 17.17 -15.28
N ASP A 515 1.40 17.22 -16.22
CA ASP A 515 0.06 16.69 -16.06
C ASP A 515 -0.27 15.94 -17.34
N ILE A 516 -0.36 14.61 -17.23
CA ILE A 516 -0.58 13.76 -18.41
C ILE A 516 -2.03 13.60 -18.81
N TYR A 517 -2.93 14.41 -18.24
CA TYR A 517 -4.35 14.31 -18.56
C TYR A 517 -4.59 14.37 -20.07
N GLN A 518 -5.37 13.40 -20.56
CA GLN A 518 -5.79 13.30 -21.97
C GLN A 518 -4.73 12.80 -22.95
N SER A 519 -3.55 12.46 -22.44
CA SER A 519 -2.47 11.98 -23.30
C SER A 519 -2.66 10.52 -23.74
N LYS A 520 -3.01 10.35 -25.01
CA LYS A 520 -3.23 9.02 -25.59
C LYS A 520 -1.91 8.26 -25.72
N GLU A 521 -0.82 8.99 -25.89
CA GLU A 521 0.53 8.41 -25.95
C GLU A 521 0.95 7.81 -24.60
N ALA A 522 0.57 8.49 -23.52
CA ALA A 522 0.83 7.99 -22.17
C ALA A 522 0.00 6.76 -21.90
N GLY A 523 -1.29 6.82 -22.26
CA GLY A 523 -2.20 5.70 -22.09
C GLY A 523 -1.74 4.44 -22.81
N GLN A 524 -1.21 4.62 -24.01
CA GLN A 524 -0.76 3.48 -24.81
C GLN A 524 0.42 2.75 -24.16
N ARG A 525 1.39 3.52 -23.64
CA ARG A 525 2.53 2.91 -22.97
C ARG A 525 2.14 2.09 -21.74
N LEU A 526 1.25 2.64 -20.93
CA LEU A 526 0.74 1.94 -19.75
C LEU A 526 -0.03 0.68 -20.13
N ALA A 527 -0.87 0.80 -21.15
CA ALA A 527 -1.71 -0.31 -21.61
C ALA A 527 -0.90 -1.50 -22.08
N THR A 528 0.14 -1.25 -22.89
CA THR A 528 0.96 -2.34 -23.43
C THR A 528 1.67 -3.10 -22.31
N ALA A 529 2.17 -2.37 -21.30
CA ALA A 529 2.81 -2.97 -20.15
C ALA A 529 1.83 -3.76 -19.27
N MET A 530 0.65 -3.17 -19.02
CA MET A 530 -0.36 -3.82 -18.19
C MET A 530 -0.91 -5.09 -18.83
N LYS A 531 -1.03 -5.09 -20.16
CA LYS A 531 -1.52 -6.25 -20.90
C LYS A 531 -0.66 -7.51 -20.73
N LEU A 532 0.62 -7.32 -20.42
CA LEU A 532 1.56 -8.43 -20.19
C LEU A 532 1.26 -9.21 -18.92
N GLY A 533 0.55 -8.58 -17.99
CA GLY A 533 0.28 -9.18 -16.69
C GLY A 533 1.55 -9.71 -16.07
N PHE A 534 1.52 -10.98 -15.69
CA PHE A 534 2.68 -11.64 -15.08
C PHE A 534 3.28 -12.67 -16.04
N SER A 535 3.10 -12.43 -17.34
CA SER A 535 3.56 -13.37 -18.38
C SER A 535 5.06 -13.31 -18.63
N ARG A 536 5.68 -12.18 -18.32
CA ARG A 536 7.11 -11.98 -18.52
C ARG A 536 7.73 -11.41 -17.24
N PRO A 537 9.03 -11.66 -17.01
CA PRO A 537 9.70 -11.00 -15.88
C PRO A 537 9.52 -9.47 -15.95
N TRP A 538 9.36 -8.84 -14.80
CA TRP A 538 9.02 -7.39 -14.74
C TRP A 538 9.94 -6.40 -15.50
N PRO A 539 11.25 -6.72 -15.67
CA PRO A 539 12.08 -5.78 -16.43
C PRO A 539 11.54 -5.45 -17.83
N GLU A 540 10.82 -6.38 -18.43
CA GLU A 540 10.22 -6.16 -19.75
C GLU A 540 9.13 -5.08 -19.72
N ALA A 541 8.24 -5.16 -18.72
CA ALA A 541 7.23 -4.12 -18.52
C ALA A 541 7.88 -2.78 -18.18
N MET A 542 8.93 -2.80 -17.37
CA MET A 542 9.71 -1.60 -17.08
C MET A 542 10.27 -0.97 -18.37
N GLN A 543 10.87 -1.80 -19.21
CA GLN A 543 11.41 -1.39 -20.51
C GLN A 543 10.35 -0.73 -21.39
N LEU A 544 9.19 -1.39 -21.52
CA LEU A 544 8.08 -0.86 -22.31
C LEU A 544 7.61 0.53 -21.89
N ILE A 545 7.58 0.79 -20.58
CA ILE A 545 7.14 2.09 -20.09
C ILE A 545 8.26 3.14 -20.19
N THR A 546 9.46 2.78 -19.73
CA THR A 546 10.53 3.75 -19.47
C THR A 546 11.70 3.74 -20.46
N GLY A 547 11.77 2.73 -21.32
CA GLY A 547 12.89 2.59 -22.25
C GLY A 547 14.17 2.08 -21.61
N GLN A 548 14.05 1.56 -20.39
CA GLN A 548 15.17 0.95 -19.67
C GLN A 548 14.62 -0.10 -18.68
N PRO A 549 15.47 -1.02 -18.19
CA PRO A 549 14.92 -2.16 -17.44
C PRO A 549 15.02 -2.11 -15.90
N ASN A 550 15.70 -1.10 -15.35
CA ASN A 550 16.00 -1.05 -13.92
C ASN A 550 14.98 -0.25 -13.09
N MET A 551 14.91 -0.56 -11.80
CA MET A 551 14.34 0.36 -10.82
C MET A 551 15.39 1.44 -10.56
N SER A 552 14.94 2.69 -10.44
CA SER A 552 15.85 3.81 -10.25
C SER A 552 15.19 4.94 -9.46
N ALA A 553 15.94 5.51 -8.52
CA ALA A 553 15.49 6.64 -7.72
C ALA A 553 15.62 7.98 -8.46
N SER A 554 16.28 7.97 -9.62
CA SER A 554 16.60 9.21 -10.34
C SER A 554 15.39 10.09 -10.63
N ALA A 555 14.32 9.51 -11.13
CA ALA A 555 13.11 10.25 -11.47
C ALA A 555 12.49 10.91 -10.23
N MET A 556 12.42 10.17 -9.12
CA MET A 556 11.93 10.74 -7.87
C MET A 556 12.85 11.87 -7.39
N LEU A 557 14.17 11.67 -7.51
CA LEU A 557 15.14 12.70 -7.12
C LEU A 557 15.01 13.96 -8.00
N SER A 558 14.82 13.75 -9.30
CA SER A 558 14.62 14.85 -10.25
C SER A 558 13.34 15.63 -9.93
N TYR A 559 12.27 14.91 -9.63
CA TYR A 559 10.97 15.51 -9.29
C TYR A 559 11.11 16.48 -8.10
N PHE A 560 11.82 16.05 -7.06
CA PHE A 560 11.97 16.82 -5.82
C PHE A 560 13.25 17.68 -5.75
N LYS A 561 14.06 17.67 -6.79
CA LYS A 561 15.31 18.43 -6.81
C LYS A 561 15.18 19.89 -6.32
N PRO A 562 14.19 20.66 -6.85
CA PRO A 562 14.02 22.03 -6.33
C PRO A 562 13.70 22.09 -4.84
N LEU A 563 12.98 21.10 -4.32
CA LEU A 563 12.70 21.04 -2.89
C LEU A 563 13.95 20.68 -2.08
N LEU A 564 14.76 19.76 -2.59
CA LEU A 564 16.00 19.39 -1.91
C LEU A 564 16.90 20.61 -1.74
N ASP A 565 17.01 21.42 -2.78
CA ASP A 565 17.80 22.65 -2.77
C ASP A 565 17.30 23.62 -1.70
N TRP A 566 16.00 23.86 -1.70
CA TRP A 566 15.37 24.77 -0.73
C TRP A 566 15.51 24.27 0.71
N LEU A 567 15.29 22.96 0.90
CA LEU A 567 15.40 22.35 2.22
C LEU A 567 16.80 22.45 2.81
N ARG A 568 17.81 22.21 1.98
CA ARG A 568 19.20 22.30 2.42
C ARG A 568 19.53 23.72 2.85
N THR A 569 19.12 24.70 2.05
CA THR A 569 19.28 26.12 2.38
C THR A 569 18.59 26.48 3.70
N GLU A 570 17.34 26.04 3.83
CA GLU A 570 16.53 26.32 5.01
C GLU A 570 17.12 25.66 6.28
N ASN A 571 17.49 24.39 6.16
CA ASN A 571 18.04 23.65 7.30
C ASN A 571 19.40 24.18 7.74
N GLU A 572 20.23 24.55 6.76
CA GLU A 572 21.55 25.09 7.04
C GLU A 572 21.48 26.44 7.76
N LEU A 573 20.56 27.30 7.33
CA LEU A 573 20.44 28.62 7.95
C LEU A 573 19.86 28.56 9.36
N HIS A 574 19.08 27.52 9.63
CA HIS A 574 18.53 27.30 10.97
C HIS A 574 19.46 26.45 11.83
N GLY A 575 20.50 25.91 11.21
CA GLY A 575 21.51 25.12 11.92
C GLY A 575 21.03 23.76 12.38
N GLU A 576 20.20 23.11 11.56
CA GLU A 576 19.73 21.77 11.90
C GLU A 576 20.87 20.77 11.83
N LYS A 577 20.95 19.90 12.83
CA LYS A 577 21.81 18.74 12.73
C LYS A 577 20.95 17.63 12.13
N LEU A 578 21.25 17.25 10.89
CA LEU A 578 20.49 16.22 10.18
C LEU A 578 20.58 14.89 10.89
N GLY A 579 19.47 14.14 10.88
CA GLY A 579 19.42 12.84 11.51
C GLY A 579 19.06 12.90 12.98
N TRP A 580 19.35 11.82 13.69
CA TRP A 580 19.06 11.70 15.11
C TRP A 580 20.25 11.03 15.82
N PRO A 581 21.40 11.74 15.92
CA PRO A 581 22.57 11.21 16.60
C PRO A 581 22.26 10.82 18.05
N GLN A 582 21.39 11.60 18.69
CA GLN A 582 20.86 11.23 20.00
C GLN A 582 19.62 10.36 19.81
N TYR A 583 19.84 9.17 19.26
CA TYR A 583 18.78 8.22 18.92
C TYR A 583 18.12 7.61 20.16
N ASN A 584 18.82 7.65 21.29
CA ASN A 584 18.30 7.14 22.56
C ASN A 584 17.29 8.07 23.23
N TRP A 585 16.97 9.19 22.58
CA TRP A 585 16.00 10.14 23.13
C TRP A 585 14.56 9.64 23.01
N THR A 586 13.84 9.68 24.13
CA THR A 586 12.41 9.45 24.18
C THR A 586 11.78 10.54 25.06
N PRO A 587 10.50 10.89 24.79
CA PRO A 587 9.77 11.92 25.57
C PRO A 587 9.89 11.76 27.09
N ASN A 588 10.36 12.80 27.76
CA ASN A 588 10.60 12.77 29.21
C ASN A 588 9.32 12.72 30.03
C1 NAG B . 3.72 -20.87 -26.01
C2 NAG B . 3.83 -20.25 -27.40
C3 NAG B . 3.09 -18.91 -27.45
C4 NAG B . 1.70 -18.96 -26.80
C5 NAG B . 1.72 -19.72 -25.46
C6 NAG B . 0.31 -19.94 -24.91
C7 NAG B . 5.77 -20.62 -28.84
C8 NAG B . 7.23 -20.31 -29.08
N2 NAG B . 5.21 -20.06 -27.77
O3 NAG B . 2.96 -18.51 -28.81
O4 NAG B . 1.28 -17.63 -26.58
O5 NAG B . 2.38 -20.98 -25.60
O6 NAG B . -0.38 -20.85 -25.73
O7 NAG B . 5.17 -21.34 -29.64
C1 NAG B . 0.14 -17.30 -27.41
C2 NAG B . -0.59 -16.13 -26.75
C3 NAG B . -1.79 -15.71 -27.60
C4 NAG B . -1.38 -15.46 -29.05
C5 NAG B . -0.58 -16.66 -29.58
C6 NAG B . -0.07 -16.43 -31.01
C7 NAG B . -0.35 -16.08 -24.32
C8 NAG B . -0.93 -16.50 -23.01
N2 NAG B . -1.02 -16.46 -25.41
O3 NAG B . -2.35 -14.54 -27.03
O4 NAG B . -2.52 -15.26 -29.86
O5 NAG B . 0.51 -16.96 -28.74
O6 NAG B . 0.92 -15.44 -31.02
O7 NAG B . 0.68 -15.40 -24.34
C1 BMA B . -2.79 -13.87 -30.10
C2 BMA B . -2.93 -13.63 -31.61
C3 BMA B . -3.46 -12.22 -31.91
C4 BMA B . -4.73 -11.94 -31.11
C5 BMA B . -4.42 -12.11 -29.62
C6 BMA B . -5.64 -11.82 -28.74
O2 BMA B . -3.80 -14.61 -32.18
O3 BMA B . -3.70 -12.06 -33.32
O4 BMA B . -5.22 -10.63 -31.41
O5 BMA B . -3.95 -13.45 -29.37
O6 BMA B . -6.51 -12.94 -28.71
C1 FUC B . -1.80 -20.79 -25.49
C2 FUC B . -2.54 -21.40 -26.68
C3 FUC B . -2.30 -22.92 -26.73
C4 FUC B . -2.63 -23.57 -25.38
C5 FUC B . -1.92 -22.84 -24.24
C6 FUC B . -2.33 -23.39 -22.89
O2 FUC B . -2.14 -20.81 -27.88
O3 FUC B . -3.06 -23.49 -27.77
O4 FUC B . -4.02 -23.55 -25.16
O5 FUC B . -2.19 -21.44 -24.28
C ACT C . -1.24 1.88 3.05
O ACT C . -0.57 1.68 2.02
OXT ACT C . -0.76 1.46 4.12
CH3 ACT C . -2.57 2.58 2.99
O1 PE4 D . -2.72 20.85 -1.33
C1 PE4 D . -2.50 21.68 -0.17
C2 PE4 D . -3.52 21.34 0.92
O2 PE4 D . -2.93 20.43 1.85
C3 PE4 D . -3.71 20.28 3.04
C4 PE4 D . -3.56 18.87 3.60
O3 PE4 D . -4.50 18.01 2.95
C5 PE4 D . -4.09 16.64 2.95
C6 PE4 D . -4.52 15.98 1.65
O4 PE4 D . -3.45 15.20 1.12
C7 PE4 D . -3.75 14.64 -0.17
C8 PE4 D . -2.51 14.62 -1.05
O5 PE4 D . -2.26 15.92 -1.59
C9 PE4 D . -2.07 15.92 -3.01
C10 PE4 D . -1.45 17.25 -3.45
O6 PE4 D . -2.14 18.36 -2.87
CAR K26 E . -6.53 -5.30 1.16
CAN K26 E . -7.03 -6.61 1.29
CBD K26 E . -6.31 -7.68 0.76
OAI K26 E . -6.77 -8.95 0.89
CAO K26 E . -5.12 -7.46 0.08
CAS K26 E . -4.61 -6.16 -0.05
CBF K26 E . -5.33 -5.08 0.48
CAV K26 E . -4.79 -3.64 0.33
CBI K26 E . -5.19 -3.02 -1.02
PBK K26 E . -4.39 -1.40 -1.28
OAJ K26 E . -5.08 -0.80 -2.61
OAK K26 E . -4.83 -0.44 -0.07
OAG K26 E . -2.94 -1.57 -1.50
NAY K26 E . -4.78 -3.96 -2.06
C K26 E . -5.65 -4.50 -2.90
O K26 E . -6.84 -4.23 -2.94
CA K26 E . -5.08 -5.57 -3.83
N K26 E . -6.21 -6.51 -4.06
CBB K26 E . -6.09 -7.81 -3.86
OAF K26 E . -5.04 -8.37 -3.55
CBJ K26 E . -7.37 -8.63 -4.12
CBG K26 E . -7.92 -9.15 -2.79
CAC K26 E . -8.54 -8.00 -1.99
CAT K26 E . -8.95 -10.28 -2.96
CAA K26 E . -9.28 -10.91 -1.60
NAX K26 E . -7.04 -9.70 -5.09
CAZ K26 E . -7.83 -9.98 -6.12
CAB K26 E . -7.34 -11.08 -7.08
OAD K26 E . -8.90 -9.40 -6.33
CB K26 E . -4.57 -4.99 -5.13
CG K26 E . -3.85 -6.08 -5.93
CD1 K26 E . -2.46 -6.25 -5.80
CE1 K26 E . -1.82 -7.25 -6.52
CZ K26 E . -2.55 -8.09 -7.36
OH K26 E . -1.93 -9.08 -8.07
CE2 K26 E . -3.93 -7.93 -7.48
CD2 K26 E . -4.58 -6.92 -6.76
CL CL F . 3.51 1.87 15.58
CL CL G . 4.91 -7.51 -2.33
ZN ZN H . -3.12 -0.85 -3.72
C1 NAG I . -25.61 -9.94 5.91
C2 NAG I . -26.56 -9.79 4.71
C3 NAG I . -27.89 -10.52 4.95
C4 NAG I . -27.64 -11.96 5.39
C5 NAG I . -26.72 -11.97 6.61
C6 NAG I . -26.39 -13.38 7.05
C7 NAG I . -26.69 -7.91 3.16
C8 NAG I . -26.96 -6.45 2.99
N2 NAG I . -26.79 -8.39 4.40
O3 NAG I . -28.66 -10.52 3.77
O4 NAG I . -28.86 -12.60 5.68
O5 NAG I . -25.51 -11.30 6.30
O6 NAG I . -25.42 -13.33 8.07
O7 NAG I . -26.39 -8.59 2.18
#